data_5K1H
#
_entry.id   5K1H
#
loop_
_entity.id
_entity.type
_entity.pdbx_description
1 polymer 'Eukaryotic translation initiation factor 3 subunit B'
2 polymer 'eIF3a C-terminal tail'
#
loop_
_entity_poly.entity_id
_entity_poly.type
_entity_poly.pdbx_seq_one_letter_code
_entity_poly.pdbx_strand_id
1 'polypeptide(L)'
;GDVLKDRPQEADGIDSVIVVDNVPQVGPDRLEKLKNVIHKIFSKFGKITNDFYPEEDGKTKGYIFLEYASPAHAVDAVKN
ADGYKLDKQHTFRVNLFTDFDKYMTISDEWDIPEKQPFKDLGNLRYWLEEAECRDQYSVIFESGDRTSIFWNDVKDPVSI
EERARWTETYVRWSPKGTYLATFHQRGIALWGGEKFKQIQRFSHQGVQLIDFSPCERYLVTFSPLMDTQDDPQAIIIWDI
LTGHKKRGFHCESSAHWPIFKWSHDGKFFARMTLDTLSIYETPSMGLLDKKSLKISGIKDFSWSPGGNIIAFWVPEDKDI
PARVTLMQLPSRQEIRVRNLFNVVDCKLHWQKNGDYLCVKVDRTPKGTQGVVTNFEIFRMREKQVPVDVVEMKETIIAFA
WEPNGSKFAVLHGEAPRISVSFYHVKSNGKIELSKMFDKQQANTIFWSPQGQFVVLAGLRSMNGALAFVDTSDCTVMNIA
EHYMASDVEWDPTGRYVVTSVSWWSHKVDNAYWLWTFQGRLLQKNNKDRFCQLLWRPRPPTLLSQEQIKQIKKDLKKYSK
IFEQKDRLSQSKASKE
;
B
2 'polypeptide(L)'
;(UNK)(UNK)(UNK)(UNK)(UNK)(UNK)(UNK)(UNK)(UNK)(UNK)(UNK)(UNK)(UNK)(UNK)(UNK)(UNK)
(UNK)(UNK)(UNK)(UNK)(UNK)(UNK)(UNK)(UNK)(UNK)(UNK)(UNK)(UNK)(UNK)(UNK)(UNK)(UNK)
(UNK)(UNK)(UNK)(UNK)(UNK)(UNK)(UNK)(UNK)(UNK)(UNK)(UNK)(UNK)(UNK)(UNK)(UNK)(UNK)
(UNK)(UNK)(UNK)(UNK)(UNK)(UNK)
;
A
#
# COMPACT_ATOMS: atom_id res chain seq x y z
N GLY A 1 -62.84 27.42 -7.92
CA GLY A 1 -63.49 28.68 -8.41
C GLY A 1 -64.39 29.38 -7.44
N ASP A 2 -65.13 30.38 -7.92
CA ASP A 2 -65.99 31.21 -7.09
C ASP A 2 -67.46 30.79 -7.22
N VAL A 3 -67.80 30.00 -8.26
CA VAL A 3 -69.08 29.35 -8.40
C VAL A 3 -69.40 28.37 -7.27
N LEU A 4 -70.67 28.33 -6.81
CA LEU A 4 -71.12 27.46 -5.74
C LEU A 4 -71.07 25.97 -6.08
N LYS A 5 -71.51 25.60 -7.28
CA LYS A 5 -71.55 24.23 -7.78
C LYS A 5 -70.24 23.87 -8.49
N ASP A 6 -69.11 24.11 -7.81
CA ASP A 6 -67.77 23.80 -8.26
C ASP A 6 -67.44 22.31 -8.17
N ARG A 7 -66.28 21.91 -8.70
CA ARG A 7 -65.79 20.55 -8.71
C ARG A 7 -64.30 20.56 -8.32
N PRO A 8 -63.63 19.45 -8.01
CA PRO A 8 -62.19 19.38 -7.81
C PRO A 8 -61.29 20.15 -8.80
N GLN A 9 -60.22 20.79 -8.29
CA GLN A 9 -59.22 21.50 -9.08
C GLN A 9 -58.38 20.51 -9.91
N GLU A 10 -58.81 20.23 -11.16
CA GLU A 10 -58.55 18.98 -11.87
C GLU A 10 -57.10 18.61 -12.14
N ALA A 11 -56.25 19.57 -12.52
CA ALA A 11 -54.84 19.28 -12.75
C ALA A 11 -53.99 20.49 -12.45
N ASP A 12 -52.76 20.26 -11.92
CA ASP A 12 -51.74 21.23 -11.52
C ASP A 12 -52.26 22.58 -11.01
N GLY A 13 -52.63 22.63 -9.71
CA GLY A 13 -53.19 23.81 -9.06
C GLY A 13 -52.48 25.13 -9.27
N ILE A 14 -53.23 26.23 -9.10
CA ILE A 14 -52.79 27.58 -9.39
C ILE A 14 -51.87 28.17 -8.33
N ASP A 15 -51.92 29.48 -8.12
CA ASP A 15 -51.05 30.22 -7.21
C ASP A 15 -51.22 29.95 -5.71
N SER A 16 -52.46 29.91 -5.18
CA SER A 16 -52.69 30.13 -3.76
C SER A 16 -53.38 29.03 -2.99
N VAL A 17 -53.66 27.88 -3.62
CA VAL A 17 -54.55 26.87 -3.03
C VAL A 17 -53.82 25.56 -2.80
N ILE A 18 -54.03 24.93 -1.64
CA ILE A 18 -53.54 23.58 -1.34
C ILE A 18 -54.75 22.66 -1.31
N VAL A 19 -54.66 21.53 -2.03
CA VAL A 19 -55.74 20.59 -2.19
C VAL A 19 -55.31 19.24 -1.63
N VAL A 20 -56.10 18.68 -0.69
CA VAL A 20 -55.80 17.40 -0.06
C VAL A 20 -56.93 16.41 -0.31
N ASP A 21 -56.55 15.14 -0.56
CA ASP A 21 -57.42 14.01 -0.85
C ASP A 21 -57.35 13.05 0.34
N ASN A 22 -58.33 12.14 0.49
CA ASN A 22 -58.56 11.19 1.58
C ASN A 22 -58.80 11.83 2.95
N VAL A 23 -59.69 12.84 2.98
CA VAL A 23 -60.12 13.52 4.18
C VAL A 23 -61.20 12.75 4.95
N PRO A 24 -61.41 12.94 6.25
CA PRO A 24 -62.55 12.39 6.98
C PRO A 24 -63.93 12.60 6.38
N GLN A 25 -64.72 11.53 6.19
CA GLN A 25 -66.08 11.62 5.66
C GLN A 25 -67.06 12.52 6.41
N VAL A 26 -68.07 13.04 5.69
CA VAL A 26 -69.18 13.84 6.19
C VAL A 26 -70.02 13.11 7.25
N GLY A 27 -70.59 13.85 8.23
CA GLY A 27 -71.51 13.29 9.21
C GLY A 27 -71.50 14.08 10.49
N PRO A 28 -72.46 13.85 11.39
CA PRO A 28 -72.56 14.47 12.73
C PRO A 28 -71.28 14.93 13.43
N ASP A 29 -71.11 16.25 13.67
CA ASP A 29 -70.01 16.87 14.40
C ASP A 29 -68.59 16.75 13.84
N ARG A 30 -68.38 15.83 12.88
CA ARG A 30 -67.13 15.52 12.22
C ARG A 30 -66.55 16.68 11.44
N LEU A 31 -67.39 17.46 10.75
CA LEU A 31 -66.97 18.60 9.95
C LEU A 31 -66.29 19.70 10.76
N GLU A 32 -66.90 20.20 11.85
CA GLU A 32 -66.24 21.21 12.70
C GLU A 32 -65.02 20.66 13.45
N LYS A 33 -65.05 19.36 13.85
CA LYS A 33 -63.88 18.67 14.40
C LYS A 33 -62.69 18.62 13.44
N LEU A 34 -62.93 18.35 12.14
CA LEU A 34 -61.91 18.40 11.10
C LEU A 34 -61.30 19.78 10.95
N LYS A 35 -62.12 20.85 10.93
CA LYS A 35 -61.63 22.22 10.89
C LYS A 35 -60.76 22.58 12.10
N ASN A 36 -61.18 22.13 13.29
CA ASN A 36 -60.49 22.32 14.54
C ASN A 36 -59.08 21.69 14.59
N VAL A 37 -58.88 20.49 14.00
CA VAL A 37 -57.53 19.94 13.78
C VAL A 37 -56.77 20.60 12.62
N ILE A 38 -57.43 20.94 11.49
CA ILE A 38 -56.81 21.65 10.36
C ILE A 38 -56.22 22.98 10.79
N HIS A 39 -56.93 23.73 11.65
CA HIS A 39 -56.45 24.97 12.24
C HIS A 39 -55.43 24.80 13.37
N LYS A 40 -54.77 23.63 13.46
CA LYS A 40 -53.58 23.44 14.27
C LYS A 40 -52.40 22.98 13.41
N ILE A 41 -52.65 21.99 12.52
CA ILE A 41 -51.64 21.44 11.62
C ILE A 41 -51.27 22.38 10.48
N PHE A 42 -52.25 23.08 9.87
CA PHE A 42 -52.02 23.83 8.65
C PHE A 42 -51.72 25.30 8.90
N SER A 43 -51.52 25.69 10.17
CA SER A 43 -51.23 27.07 10.56
C SER A 43 -49.84 27.53 10.17
N LYS A 44 -48.94 26.59 9.84
CA LYS A 44 -47.62 26.86 9.29
C LYS A 44 -47.61 26.93 7.76
N PHE A 45 -48.78 26.74 7.11
CA PHE A 45 -48.91 26.88 5.65
C PHE A 45 -49.36 28.30 5.31
N GLY A 46 -49.55 29.14 6.34
CA GLY A 46 -50.04 30.51 6.22
C GLY A 46 -51.29 30.67 7.01
N LYS A 47 -51.76 31.92 7.19
CA LYS A 47 -53.04 32.19 7.82
C LYS A 47 -54.16 31.85 6.84
N ILE A 48 -55.11 30.99 7.24
CA ILE A 48 -56.19 30.55 6.36
C ILE A 48 -57.19 31.67 6.08
N THR A 49 -57.40 32.02 4.80
CA THR A 49 -58.32 33.09 4.40
C THR A 49 -59.58 32.50 3.78
N ASN A 50 -59.49 31.27 3.22
CA ASN A 50 -60.64 30.54 2.76
C ASN A 50 -60.38 29.06 2.96
N ASP A 51 -61.40 28.33 3.40
CA ASP A 51 -61.38 26.90 3.51
C ASP A 51 -62.67 26.38 2.87
N PHE A 52 -62.56 25.48 1.87
CA PHE A 52 -63.67 25.16 0.98
C PHE A 52 -64.08 23.71 1.04
N TYR A 53 -65.41 23.47 1.10
CA TYR A 53 -66.00 22.15 1.25
C TYR A 53 -67.12 21.87 0.24
N PRO A 54 -67.04 22.10 -1.07
CA PRO A 54 -68.12 21.74 -2.00
C PRO A 54 -68.37 20.24 -2.08
N GLU A 55 -69.56 19.82 -2.53
CA GLU A 55 -69.89 18.43 -2.71
C GLU A 55 -70.17 18.24 -4.19
N GLU A 56 -69.25 17.59 -4.93
CA GLU A 56 -69.33 17.51 -6.38
C GLU A 56 -70.56 16.78 -6.90
N ASP A 57 -71.56 17.54 -7.38
CA ASP A 57 -72.90 17.07 -7.71
C ASP A 57 -73.63 16.44 -6.53
N GLY A 58 -73.39 16.97 -5.31
CA GLY A 58 -73.99 16.51 -4.05
C GLY A 58 -73.36 15.30 -3.40
N LYS A 59 -72.31 14.70 -4.00
CA LYS A 59 -71.61 13.55 -3.42
C LYS A 59 -70.85 13.82 -2.13
N THR A 60 -70.62 12.78 -1.29
CA THR A 60 -69.73 12.93 -0.13
C THR A 60 -68.30 13.25 -0.55
N LYS A 61 -67.60 14.11 0.21
CA LYS A 61 -66.38 14.73 -0.23
C LYS A 61 -65.13 14.01 0.28
N GLY A 62 -64.28 13.52 -0.64
CA GLY A 62 -62.98 12.93 -0.36
C GLY A 62 -61.89 13.94 -0.21
N TYR A 63 -62.22 15.23 -0.33
CA TYR A 63 -61.27 16.32 -0.50
C TYR A 63 -61.67 17.54 0.33
N ILE A 64 -60.71 18.44 0.62
CA ILE A 64 -60.99 19.81 1.07
C ILE A 64 -59.96 20.72 0.41
N PHE A 65 -60.26 22.01 0.21
CA PHE A 65 -59.34 22.95 -0.42
C PHE A 65 -59.04 24.10 0.53
N LEU A 66 -57.76 24.46 0.73
CA LEU A 66 -57.36 25.50 1.67
C LEU A 66 -56.60 26.62 0.97
N GLU A 67 -56.96 27.89 1.22
CA GLU A 67 -56.31 29.06 0.64
C GLU A 67 -55.81 30.00 1.73
N TYR A 68 -54.61 30.60 1.51
CA TYR A 68 -53.85 31.28 2.55
C TYR A 68 -53.62 32.76 2.26
N ALA A 69 -53.48 33.58 3.33
CA ALA A 69 -53.19 35.00 3.28
C ALA A 69 -51.85 35.37 2.62
N SER A 70 -50.76 34.62 2.93
CA SER A 70 -49.55 34.64 2.10
C SER A 70 -49.18 33.22 1.67
N PRO A 71 -49.40 32.80 0.42
CA PRO A 71 -49.24 31.38 0.05
C PRO A 71 -47.83 30.85 -0.02
N ALA A 72 -46.79 31.69 -0.03
CA ALA A 72 -45.42 31.22 -0.04
C ALA A 72 -44.98 30.59 1.30
N HIS A 73 -45.76 30.78 2.38
CA HIS A 73 -45.71 29.92 3.56
C HIS A 73 -46.09 28.46 3.29
N ALA A 74 -47.10 28.20 2.44
CA ALA A 74 -47.48 26.86 2.02
C ALA A 74 -46.38 26.15 1.23
N VAL A 75 -45.65 26.90 0.38
CA VAL A 75 -44.46 26.43 -0.33
C VAL A 75 -43.36 25.98 0.62
N ASP A 76 -43.11 26.73 1.72
CA ASP A 76 -42.28 26.29 2.82
C ASP A 76 -42.82 25.03 3.51
N ALA A 77 -44.12 24.99 3.84
CA ALA A 77 -44.77 23.90 4.56
C ALA A 77 -44.80 22.55 3.83
N VAL A 78 -44.99 22.53 2.51
CA VAL A 78 -44.90 21.30 1.71
C VAL A 78 -43.45 20.86 1.48
N LYS A 79 -42.47 21.75 1.71
CA LYS A 79 -41.06 21.40 1.69
C LYS A 79 -40.56 21.00 3.09
N ASN A 80 -41.28 21.44 4.15
CA ASN A 80 -41.08 21.07 5.55
C ASN A 80 -41.38 19.58 5.76
N ALA A 81 -42.48 19.08 5.17
CA ALA A 81 -42.81 17.68 5.21
C ALA A 81 -43.82 17.33 4.13
N ASP A 82 -43.98 16.02 3.86
CA ASP A 82 -44.96 15.54 2.92
C ASP A 82 -45.42 14.19 3.44
N GLY A 83 -46.61 13.72 3.05
CA GLY A 83 -47.19 12.50 3.64
C GLY A 83 -47.67 12.71 5.06
N TYR A 84 -48.34 13.85 5.32
CA TYR A 84 -48.89 14.20 6.63
C TYR A 84 -49.90 13.16 7.10
N LYS A 85 -49.85 12.75 8.38
CA LYS A 85 -50.50 11.53 8.81
C LYS A 85 -51.48 11.73 9.96
N LEU A 86 -52.73 11.25 9.76
CA LEU A 86 -53.75 11.11 10.77
C LEU A 86 -54.28 9.68 10.66
N ASP A 87 -55.09 9.22 11.64
CA ASP A 87 -55.64 7.87 11.73
C ASP A 87 -55.89 7.01 10.48
N LYS A 88 -55.42 5.74 10.51
CA LYS A 88 -55.62 4.73 9.47
C LYS A 88 -55.30 5.19 8.05
N GLN A 89 -56.31 5.20 7.16
CA GLN A 89 -56.21 5.53 5.76
C GLN A 89 -55.89 6.99 5.45
N HIS A 90 -56.04 7.91 6.43
CA HIS A 90 -55.79 9.34 6.28
C HIS A 90 -54.31 9.73 6.25
N THR A 91 -53.61 9.49 5.12
CA THR A 91 -52.24 9.99 4.91
C THR A 91 -52.29 10.93 3.71
N PHE A 92 -51.78 12.16 3.85
CA PHE A 92 -52.09 13.25 2.94
C PHE A 92 -50.94 13.59 1.99
N ARG A 93 -51.25 13.63 0.69
CA ARG A 93 -50.34 14.05 -0.36
C ARG A 93 -50.48 15.55 -0.53
N VAL A 94 -49.58 16.36 0.06
CA VAL A 94 -49.75 17.81 0.10
C VAL A 94 -49.17 18.46 -1.14
N ASN A 95 -50.02 19.21 -1.87
CA ASN A 95 -49.67 19.76 -3.16
C ASN A 95 -50.67 20.85 -3.53
N LEU A 96 -50.32 21.70 -4.52
CA LEU A 96 -51.23 22.66 -5.13
C LEU A 96 -52.33 21.94 -5.90
N PHE A 97 -51.91 20.85 -6.60
CA PHE A 97 -52.69 19.72 -7.08
C PHE A 97 -51.85 18.99 -8.12
N THR A 98 -52.13 17.69 -8.32
CA THR A 98 -51.42 16.73 -9.16
C THR A 98 -51.32 17.11 -10.62
N ASP A 99 -50.13 16.92 -11.22
CA ASP A 99 -49.86 17.06 -12.64
C ASP A 99 -50.52 15.99 -13.52
N PHE A 100 -50.46 14.72 -13.05
CA PHE A 100 -51.19 13.52 -13.48
C PHE A 100 -50.97 12.95 -14.89
N ASP A 101 -50.54 13.73 -15.89
CA ASP A 101 -50.42 13.31 -17.28
C ASP A 101 -49.39 12.21 -17.56
N LYS A 102 -48.22 12.31 -16.91
CA LYS A 102 -47.03 11.53 -17.21
C LYS A 102 -47.09 10.06 -16.82
N TYR A 103 -46.04 9.32 -17.16
CA TYR A 103 -45.87 7.93 -16.77
C TYR A 103 -44.45 7.74 -16.27
N MET A 104 -44.31 7.02 -15.14
CA MET A 104 -43.04 6.89 -14.44
C MET A 104 -42.09 5.87 -15.08
N THR A 105 -42.58 4.97 -15.95
CA THR A 105 -41.76 4.01 -16.69
C THR A 105 -40.73 4.68 -17.60
N ILE A 106 -39.51 4.09 -17.69
CA ILE A 106 -38.36 4.53 -18.46
C ILE A 106 -37.46 5.53 -17.72
N SER A 107 -36.28 5.05 -17.27
CA SER A 107 -35.19 5.89 -16.78
C SER A 107 -33.81 5.22 -16.84
N ASP A 108 -33.78 3.89 -17.11
CA ASP A 108 -32.65 3.03 -17.45
C ASP A 108 -31.28 3.17 -16.76
N GLU A 109 -30.26 2.56 -17.40
CA GLU A 109 -29.23 1.78 -16.72
C GLU A 109 -27.88 2.47 -16.59
N TRP A 110 -26.80 1.66 -16.50
CA TRP A 110 -25.47 2.06 -16.08
C TRP A 110 -24.40 1.15 -16.70
N ASP A 111 -23.19 1.68 -16.98
CA ASP A 111 -22.05 0.91 -17.45
C ASP A 111 -20.92 1.00 -16.41
N ILE A 112 -20.56 -0.12 -15.75
CA ILE A 112 -19.47 -0.14 -14.78
C ILE A 112 -18.07 0.04 -15.41
N PRO A 113 -17.13 0.75 -14.81
CA PRO A 113 -15.78 0.90 -15.36
C PRO A 113 -14.85 -0.18 -14.82
N GLU A 114 -13.61 -0.25 -15.34
CA GLU A 114 -12.56 -1.11 -14.84
C GLU A 114 -11.90 -0.52 -13.59
N LYS A 115 -11.14 -1.33 -12.82
CA LYS A 115 -10.74 -0.97 -11.47
C LYS A 115 -9.29 -1.32 -11.16
N GLN A 116 -8.77 -0.71 -10.08
CA GLN A 116 -7.47 -0.95 -9.46
C GLN A 116 -6.84 -2.34 -9.53
N PRO A 117 -7.47 -3.51 -9.26
CA PRO A 117 -6.82 -4.82 -9.37
C PRO A 117 -6.44 -5.26 -10.77
N PHE A 118 -6.75 -4.50 -11.84
CA PHE A 118 -6.53 -4.91 -13.22
C PHE A 118 -5.08 -5.32 -13.56
N LYS A 119 -4.04 -4.64 -13.02
CA LYS A 119 -2.67 -5.10 -13.18
C LYS A 119 -2.14 -5.95 -12.01
N ASP A 120 -2.96 -6.21 -10.96
CA ASP A 120 -2.72 -7.28 -10.00
C ASP A 120 -3.05 -8.63 -10.66
N LEU A 121 -4.15 -8.70 -11.44
CA LEU A 121 -4.39 -9.79 -12.38
C LEU A 121 -3.25 -9.88 -13.39
N GLY A 122 -2.87 -8.74 -14.01
CA GLY A 122 -1.71 -8.59 -14.91
C GLY A 122 -0.36 -8.57 -14.22
N ASN A 123 -0.23 -9.36 -13.15
CA ASN A 123 1.01 -9.76 -12.54
C ASN A 123 1.06 -11.27 -12.59
N LEU A 124 0.18 -11.95 -11.83
CA LEU A 124 0.11 -13.38 -11.76
C LEU A 124 -0.24 -14.04 -13.10
N ARG A 125 -1.17 -13.44 -13.87
CA ARG A 125 -1.46 -13.83 -15.24
C ARG A 125 -0.27 -13.65 -16.18
N TYR A 126 0.41 -12.49 -16.09
CA TYR A 126 1.56 -12.12 -16.91
C TYR A 126 2.73 -13.08 -16.70
N TRP A 127 2.97 -13.47 -15.44
CA TRP A 127 4.03 -14.39 -15.06
C TRP A 127 3.91 -15.79 -15.67
N LEU A 128 2.72 -16.42 -15.64
CA LEU A 128 2.52 -17.69 -16.33
C LEU A 128 2.40 -17.57 -17.85
N GLU A 129 1.62 -16.61 -18.38
CA GLU A 129 1.32 -16.54 -19.79
C GLU A 129 2.48 -16.30 -20.74
N GLU A 130 3.45 -15.42 -20.40
CA GLU A 130 4.55 -15.10 -21.29
C GLU A 130 5.41 -16.27 -21.75
N ALA A 131 5.77 -16.26 -23.04
CA ALA A 131 6.48 -17.33 -23.71
C ALA A 131 7.89 -17.57 -23.20
N GLU A 132 8.69 -16.51 -23.01
CA GLU A 132 9.99 -16.63 -22.37
C GLU A 132 9.80 -16.97 -20.88
N CYS A 133 10.50 -17.94 -20.27
CA CYS A 133 11.92 -18.23 -20.28
C CYS A 133 12.76 -17.09 -19.72
N ARG A 134 12.68 -16.71 -18.42
CA ARG A 134 12.00 -17.45 -17.34
C ARG A 134 11.78 -16.61 -16.07
N ASP A 135 12.20 -15.32 -16.08
CA ASP A 135 12.51 -14.59 -14.87
C ASP A 135 11.99 -13.14 -14.95
N GLN A 136 12.28 -12.35 -13.89
CA GLN A 136 11.74 -11.07 -13.46
C GLN A 136 11.50 -9.91 -14.45
N TYR A 137 10.69 -8.94 -13.97
CA TYR A 137 10.14 -7.82 -14.72
C TYR A 137 10.62 -6.50 -14.08
N SER A 138 11.07 -5.51 -14.87
CA SER A 138 11.48 -4.19 -14.39
C SER A 138 10.94 -3.14 -15.37
N VAL A 139 10.90 -1.81 -15.10
CA VAL A 139 11.29 -1.05 -13.93
C VAL A 139 12.65 -0.37 -14.09
N ILE A 140 12.97 0.20 -15.28
CA ILE A 140 14.27 0.80 -15.58
C ILE A 140 14.16 2.30 -15.85
N PHE A 141 15.01 3.08 -15.13
CA PHE A 141 15.32 4.49 -15.28
C PHE A 141 16.62 4.70 -16.07
N GLU A 142 16.58 4.87 -17.41
CA GLU A 142 17.81 4.94 -18.19
C GLU A 142 17.78 4.18 -19.53
N SER A 143 17.12 4.70 -20.61
CA SER A 143 17.34 4.15 -21.97
C SER A 143 16.80 4.98 -23.16
N GLY A 144 17.18 6.25 -23.42
CA GLY A 144 18.05 7.15 -22.69
C GLY A 144 17.19 8.13 -21.96
N ASP A 145 16.61 9.11 -22.66
CA ASP A 145 15.65 10.04 -22.06
C ASP A 145 14.24 9.42 -21.91
N ARG A 146 14.18 8.19 -21.37
CA ARG A 146 13.02 7.32 -21.36
C ARG A 146 12.94 6.54 -20.05
N THR A 147 11.72 6.09 -19.71
CA THR A 147 11.46 5.19 -18.57
C THR A 147 10.88 3.92 -19.14
N SER A 148 11.39 2.75 -18.70
CA SER A 148 11.36 1.59 -19.56
C SER A 148 11.00 0.29 -18.86
N ILE A 149 10.47 -0.65 -19.67
CA ILE A 149 9.91 -1.92 -19.23
C ILE A 149 10.70 -3.05 -19.86
N PHE A 150 11.20 -3.99 -19.06
CA PHE A 150 12.07 -5.08 -19.47
C PHE A 150 11.62 -6.37 -18.80
N TRP A 151 12.08 -7.51 -19.34
CA TRP A 151 11.88 -8.84 -18.79
C TRP A 151 13.25 -9.50 -18.81
N ASN A 152 13.46 -10.57 -18.02
CA ASN A 152 14.64 -11.38 -18.12
C ASN A 152 14.38 -12.58 -19.03
N ASP A 153 14.67 -12.40 -20.33
CA ASP A 153 14.41 -13.37 -21.38
C ASP A 153 15.61 -14.30 -21.59
N VAL A 154 16.68 -14.09 -20.78
CA VAL A 154 17.85 -14.94 -20.57
C VAL A 154 18.88 -14.87 -21.71
N LYS A 155 18.39 -14.89 -22.95
CA LYS A 155 19.15 -14.68 -24.18
C LYS A 155 19.77 -13.28 -24.25
N ASP A 156 18.96 -12.28 -23.84
CA ASP A 156 19.32 -10.92 -23.52
C ASP A 156 18.22 -10.55 -22.51
N PRO A 157 18.28 -9.44 -21.79
CA PRO A 157 17.09 -8.88 -21.16
C PRO A 157 16.47 -7.90 -22.16
N VAL A 158 15.26 -8.17 -22.66
CA VAL A 158 14.72 -7.49 -23.83
C VAL A 158 13.65 -6.48 -23.45
N SER A 159 13.73 -5.25 -24.01
CA SER A 159 12.77 -4.19 -23.73
C SER A 159 11.38 -4.42 -24.31
N ILE A 160 10.35 -4.41 -23.46
CA ILE A 160 8.95 -4.52 -23.84
C ILE A 160 8.43 -3.19 -24.34
N GLU A 161 8.76 -2.10 -23.60
CA GLU A 161 8.45 -0.74 -24.00
C GLU A 161 9.52 0.17 -23.43
N GLU A 162 9.82 1.26 -24.14
CA GLU A 162 10.66 2.33 -23.62
C GLU A 162 9.92 3.64 -23.88
N ARG A 163 9.44 4.36 -22.85
CA ARG A 163 8.54 5.48 -23.03
C ARG A 163 9.23 6.81 -22.72
N ALA A 164 9.26 7.74 -23.69
CA ALA A 164 9.97 9.01 -23.61
C ALA A 164 9.52 9.97 -22.51
N ARG A 165 10.46 10.40 -21.64
CA ARG A 165 10.26 11.28 -20.48
C ARG A 165 9.06 10.95 -19.60
N TRP A 166 8.80 9.65 -19.36
CA TRP A 166 7.65 9.20 -18.59
C TRP A 166 7.75 9.53 -17.10
N THR A 167 8.89 9.25 -16.41
CA THR A 167 9.11 9.84 -15.08
C THR A 167 10.11 10.97 -15.18
N GLU A 168 9.90 12.03 -14.38
CA GLU A 168 10.78 13.17 -14.39
C GLU A 168 11.74 13.19 -13.21
N THR A 169 11.59 12.30 -12.20
CA THR A 169 12.52 12.24 -11.06
C THR A 169 12.82 10.82 -10.62
N TYR A 170 11.81 10.08 -10.14
CA TYR A 170 11.95 8.79 -9.48
C TYR A 170 10.78 7.90 -9.88
N VAL A 171 10.89 6.57 -9.72
CA VAL A 171 9.80 5.64 -10.00
C VAL A 171 9.78 4.54 -8.93
N ARG A 172 8.58 4.07 -8.53
CA ARG A 172 8.41 3.14 -7.42
C ARG A 172 7.28 2.15 -7.71
N TRP A 173 7.46 0.86 -7.36
CA TRP A 173 6.43 -0.15 -7.53
C TRP A 173 5.51 -0.28 -6.32
N SER A 174 4.21 -0.49 -6.57
CA SER A 174 3.26 -0.93 -5.55
C SER A 174 3.59 -2.32 -4.97
N PRO A 175 3.38 -2.63 -3.71
CA PRO A 175 3.70 -3.92 -3.07
C PRO A 175 3.38 -5.23 -3.79
N LYS A 176 2.22 -5.38 -4.45
CA LYS A 176 1.92 -6.57 -5.22
C LYS A 176 2.11 -6.32 -6.72
N GLY A 177 2.67 -5.16 -7.08
CA GLY A 177 2.83 -4.76 -8.47
C GLY A 177 1.60 -4.16 -9.11
N THR A 178 0.54 -3.89 -8.32
CA THR A 178 -0.77 -3.41 -8.74
C THR A 178 -0.73 -2.08 -9.49
N TYR A 179 0.11 -1.15 -9.03
CA TYR A 179 0.36 0.14 -9.62
C TYR A 179 1.86 0.37 -9.80
N LEU A 180 2.19 1.32 -10.67
CA LEU A 180 3.49 1.95 -10.75
C LEU A 180 3.29 3.41 -10.39
N ALA A 181 4.11 3.97 -9.48
CA ALA A 181 4.06 5.38 -9.12
C ALA A 181 5.10 6.14 -9.93
N THR A 182 4.63 7.14 -10.70
CA THR A 182 5.43 7.90 -11.64
C THR A 182 5.33 9.37 -11.28
N PHE A 183 6.46 10.11 -11.26
CA PHE A 183 6.40 11.55 -11.01
C PHE A 183 6.39 12.34 -12.30
N HIS A 184 5.35 13.18 -12.45
CA HIS A 184 5.27 14.21 -13.45
C HIS A 184 5.21 15.51 -12.69
N GLN A 185 5.88 16.57 -13.14
CA GLN A 185 6.00 17.78 -12.33
C GLN A 185 4.78 18.69 -12.36
N ARG A 186 3.62 18.14 -12.77
CA ARG A 186 2.30 18.72 -12.62
C ARG A 186 1.46 17.93 -11.63
N GLY A 187 2.02 16.83 -11.06
CA GLY A 187 1.35 15.97 -10.08
C GLY A 187 1.81 14.53 -10.20
N ILE A 188 1.94 13.81 -9.06
CA ILE A 188 2.26 12.39 -9.02
C ILE A 188 1.16 11.58 -9.68
N ALA A 189 1.50 10.59 -10.53
CA ALA A 189 0.49 9.81 -11.23
C ALA A 189 0.61 8.33 -10.89
N LEU A 190 -0.54 7.67 -10.69
CA LEU A 190 -0.60 6.23 -10.50
C LEU A 190 -0.95 5.57 -11.79
N TRP A 191 0.02 4.85 -12.38
CA TRP A 191 -0.15 4.16 -13.64
C TRP A 191 -0.52 2.72 -13.35
N GLY A 192 -1.70 2.27 -13.81
CA GLY A 192 -2.22 0.94 -13.54
C GLY A 192 -2.76 0.31 -14.79
N GLY A 193 -3.43 -0.85 -14.65
CA GLY A 193 -3.99 -1.61 -15.76
C GLY A 193 -3.03 -2.34 -16.67
N GLU A 194 -3.57 -3.19 -17.55
CA GLU A 194 -2.81 -4.07 -18.42
C GLU A 194 -1.83 -3.39 -19.37
N LYS A 195 -2.20 -2.27 -20.01
CA LYS A 195 -1.36 -1.59 -20.99
C LYS A 195 -0.80 -0.27 -20.46
N PHE A 196 -0.98 -0.04 -19.13
CA PHE A 196 -0.43 1.07 -18.36
C PHE A 196 -1.01 2.43 -18.70
N LYS A 197 -2.00 2.91 -17.91
CA LYS A 197 -2.61 4.22 -18.04
C LYS A 197 -2.90 4.83 -16.68
N GLN A 198 -3.14 6.17 -16.61
CA GLN A 198 -3.29 6.93 -15.37
C GLN A 198 -4.66 6.77 -14.71
N ILE A 199 -4.74 6.02 -13.60
CA ILE A 199 -6.00 5.83 -12.88
C ILE A 199 -6.27 6.99 -11.91
N GLN A 200 -5.21 7.48 -11.21
CA GLN A 200 -5.31 8.60 -10.30
C GLN A 200 -4.13 9.54 -10.48
N ARG A 201 -4.29 10.82 -10.08
CA ARG A 201 -3.24 11.82 -10.12
C ARG A 201 -3.34 12.72 -8.90
N PHE A 202 -2.20 13.02 -8.26
CA PHE A 202 -2.15 13.67 -6.96
C PHE A 202 -1.37 14.98 -7.01
N SER A 203 -2.01 16.09 -6.65
CA SER A 203 -1.45 17.43 -6.79
C SER A 203 -0.48 17.87 -5.69
N HIS A 204 0.78 17.42 -5.80
CA HIS A 204 1.92 17.83 -4.99
C HIS A 204 3.11 17.86 -5.94
N GLN A 205 4.06 18.79 -5.75
CA GLN A 205 5.15 19.07 -6.68
C GLN A 205 6.42 19.24 -5.85
N GLY A 206 7.61 19.15 -6.48
CA GLY A 206 8.91 19.14 -5.78
C GLY A 206 9.29 17.81 -5.19
N VAL A 207 8.45 16.79 -5.43
CA VAL A 207 8.54 15.43 -4.90
C VAL A 207 9.79 14.66 -5.35
N GLN A 208 10.34 13.80 -4.47
CA GLN A 208 11.36 12.83 -4.85
C GLN A 208 11.01 11.42 -4.38
N LEU A 209 10.21 11.26 -3.32
CA LEU A 209 9.87 9.95 -2.79
C LEU A 209 8.36 9.76 -2.78
N ILE A 210 7.91 8.54 -3.10
CA ILE A 210 6.58 8.23 -3.64
C ILE A 210 6.25 6.78 -3.29
N ASP A 211 6.03 6.51 -2.01
CA ASP A 211 6.04 5.18 -1.44
C ASP A 211 4.63 4.77 -1.00
N PHE A 212 4.33 3.46 -1.05
CA PHE A 212 2.98 2.93 -0.86
C PHE A 212 2.74 2.34 0.51
N SER A 213 1.47 2.32 0.96
CA SER A 213 1.02 1.43 2.02
C SER A 213 1.15 -0.06 1.66
N PRO A 214 1.53 -1.00 2.52
CA PRO A 214 1.63 -2.43 2.19
C PRO A 214 0.39 -3.10 1.62
N CYS A 215 -0.82 -2.61 1.94
CA CYS A 215 -2.08 -3.16 1.46
C CYS A 215 -2.58 -2.46 0.19
N GLU A 216 -1.80 -1.49 -0.30
CA GLU A 216 -1.97 -0.74 -1.54
C GLU A 216 -3.20 0.17 -1.61
N ARG A 217 -3.58 0.84 -0.51
CA ARG A 217 -4.72 1.75 -0.50
C ARG A 217 -4.34 3.21 -0.33
N TYR A 218 -3.10 3.52 0.12
CA TYR A 218 -2.67 4.88 0.42
C TYR A 218 -1.27 5.12 -0.14
N LEU A 219 -0.98 6.33 -0.65
CA LEU A 219 0.32 6.69 -1.19
C LEU A 219 0.92 7.84 -0.40
N VAL A 220 2.23 7.76 -0.07
CA VAL A 220 2.95 8.75 0.69
C VAL A 220 3.90 9.50 -0.24
N THR A 221 3.76 10.84 -0.31
CA THR A 221 4.54 11.66 -1.23
C THR A 221 5.38 12.66 -0.45
N PHE A 222 6.70 12.73 -0.71
CA PHE A 222 7.61 13.57 0.06
C PHE A 222 8.45 14.47 -0.85
N SER A 223 8.43 15.78 -0.57
CA SER A 223 9.29 16.79 -1.18
C SER A 223 10.44 17.20 -0.24
N PRO A 224 11.70 16.84 -0.49
CA PRO A 224 12.83 17.37 0.27
C PRO A 224 13.04 18.87 0.11
N LEU A 225 12.73 19.44 -1.06
CA LEU A 225 12.76 20.88 -1.32
C LEU A 225 11.37 21.39 -1.64
N MET A 226 10.94 22.45 -0.93
CA MET A 226 9.65 23.09 -1.03
C MET A 226 9.24 23.65 -2.41
N ASP A 227 7.93 23.71 -2.67
CA ASP A 227 7.36 24.19 -3.91
C ASP A 227 6.25 25.19 -3.52
N THR A 228 5.09 25.17 -4.20
CA THR A 228 3.89 25.90 -3.78
C THR A 228 2.76 24.95 -3.47
N GLN A 229 2.91 23.65 -3.78
CA GLN A 229 1.85 22.67 -3.59
C GLN A 229 2.02 21.88 -2.30
N ASP A 230 3.18 22.02 -1.61
CA ASP A 230 3.38 21.49 -0.28
C ASP A 230 2.67 22.36 0.78
N ASP A 231 2.84 23.69 0.69
CA ASP A 231 2.22 24.76 1.46
C ASP A 231 1.81 24.53 2.94
N PRO A 232 2.71 24.45 3.91
CA PRO A 232 4.12 24.17 3.78
C PRO A 232 4.36 22.79 4.37
N GLN A 233 3.64 21.76 3.89
CA GLN A 233 3.68 20.40 4.40
C GLN A 233 4.40 19.50 3.40
N ALA A 234 5.66 19.12 3.68
CA ALA A 234 6.48 18.32 2.79
C ALA A 234 6.02 16.90 2.53
N ILE A 235 5.38 16.26 3.52
CA ILE A 235 5.00 14.87 3.47
C ILE A 235 3.49 14.81 3.35
N ILE A 236 2.95 14.41 2.19
CA ILE A 236 1.52 14.42 1.93
C ILE A 236 1.05 13.02 1.57
N ILE A 237 -0.03 12.56 2.24
CA ILE A 237 -0.56 11.22 2.16
C ILE A 237 -1.90 11.28 1.45
N TRP A 238 -2.02 10.49 0.38
CA TRP A 238 -3.15 10.52 -0.53
C TRP A 238 -3.90 9.20 -0.47
N ASP A 239 -5.24 9.28 -0.43
CA ASP A 239 -6.12 8.13 -0.45
C ASP A 239 -6.33 7.69 -1.90
N ILE A 240 -5.91 6.46 -2.27
CA ILE A 240 -5.98 6.01 -3.66
C ILE A 240 -7.42 5.84 -4.13
N LEU A 241 -8.27 5.22 -3.28
CA LEU A 241 -9.65 4.90 -3.56
C LEU A 241 -10.50 6.14 -3.81
N THR A 242 -10.37 7.17 -2.96
CA THR A 242 -11.17 8.39 -3.08
C THR A 242 -10.45 9.50 -3.85
N GLY A 243 -9.12 9.39 -4.02
CA GLY A 243 -8.32 10.33 -4.81
C GLY A 243 -7.87 11.58 -4.11
N HIS A 244 -8.14 11.72 -2.79
CA HIS A 244 -7.98 12.99 -2.11
C HIS A 244 -6.88 13.02 -1.05
N LYS A 245 -6.40 14.25 -0.74
CA LYS A 245 -5.43 14.54 0.32
C LYS A 245 -5.98 14.23 1.73
N LYS A 246 -5.63 13.05 2.27
CA LYS A 246 -6.13 12.59 3.56
C LYS A 246 -5.40 13.19 4.75
N ARG A 247 -4.06 13.32 4.63
CA ARG A 247 -3.24 13.99 5.62
C ARG A 247 -2.04 14.67 4.97
N GLY A 248 -1.61 15.81 5.52
CA GLY A 248 -0.29 16.39 5.26
C GLY A 248 0.47 16.56 6.55
N PHE A 249 1.81 16.48 6.50
CA PHE A 249 2.69 16.60 7.65
C PHE A 249 3.96 17.35 7.26
N HIS A 250 4.48 18.19 8.19
CA HIS A 250 5.72 18.94 8.00
C HIS A 250 7.00 18.10 7.96
N CYS A 251 7.97 18.56 7.14
CA CYS A 251 9.28 18.00 6.84
C CYS A 251 10.03 17.21 7.90
N GLU A 252 10.81 16.23 7.42
CA GLU A 252 11.76 15.49 8.23
C GLU A 252 13.12 15.59 7.60
N SER A 253 14.12 16.13 8.33
CA SER A 253 15.49 16.19 7.86
C SER A 253 16.27 14.98 8.34
N SER A 254 15.76 14.29 9.36
CA SER A 254 16.47 13.21 10.05
C SER A 254 15.90 11.85 9.69
N ALA A 255 16.64 10.94 9.01
CA ALA A 255 17.94 11.13 8.41
C ALA A 255 18.07 10.37 7.09
N HIS A 256 17.94 9.03 7.09
CA HIS A 256 18.01 8.22 5.88
C HIS A 256 16.71 7.48 5.67
N TRP A 257 16.11 7.57 4.46
CA TRP A 257 14.86 6.91 4.11
C TRP A 257 14.84 5.38 4.34
N PRO A 258 13.74 4.74 4.73
CA PRO A 258 12.46 5.33 5.12
C PRO A 258 12.50 5.98 6.50
N ILE A 259 11.91 7.17 6.65
CA ILE A 259 11.77 7.84 7.95
C ILE A 259 10.32 7.82 8.43
N PHE A 260 9.43 7.24 7.62
CA PHE A 260 8.03 6.98 7.93
C PHE A 260 7.88 5.50 7.64
N LYS A 261 7.43 4.68 8.61
CA LYS A 261 7.47 3.23 8.46
C LYS A 261 6.12 2.61 8.77
N TRP A 262 5.66 1.68 7.91
CA TRP A 262 4.38 1.01 8.05
C TRP A 262 4.50 -0.35 8.74
N SER A 263 3.43 -0.80 9.42
CA SER A 263 3.26 -2.20 9.79
C SER A 263 3.18 -3.13 8.59
N HIS A 264 3.58 -4.41 8.75
CA HIS A 264 3.66 -5.38 7.66
C HIS A 264 2.35 -5.61 6.91
N ASP A 265 1.20 -5.49 7.60
CA ASP A 265 -0.12 -5.64 7.06
C ASP A 265 -0.74 -4.32 6.61
N GLY A 266 -0.04 -3.18 6.81
CA GLY A 266 -0.51 -1.86 6.43
C GLY A 266 -1.50 -1.22 7.36
N LYS A 267 -1.79 -1.84 8.52
CA LYS A 267 -2.71 -1.32 9.51
C LYS A 267 -2.25 -0.04 10.22
N PHE A 268 -0.96 0.07 10.55
CA PHE A 268 -0.44 1.19 11.32
C PHE A 268 0.67 1.89 10.56
N PHE A 269 0.70 3.23 10.62
CA PHE A 269 1.70 4.08 10.00
C PHE A 269 2.36 4.94 11.08
N ALA A 270 3.70 5.09 11.06
CA ALA A 270 4.41 5.66 12.19
C ALA A 270 5.64 6.51 11.83
N ARG A 271 5.91 7.56 12.65
CA ARG A 271 7.08 8.43 12.52
C ARG A 271 7.52 8.90 13.89
N MET A 272 8.84 9.10 14.09
CA MET A 272 9.40 9.65 15.30
C MET A 272 9.48 11.18 15.26
N THR A 273 8.83 11.83 16.23
CA THR A 273 9.33 13.10 16.77
C THR A 273 10.28 12.67 17.87
N LEU A 274 11.40 13.37 18.12
CA LEU A 274 12.44 12.88 19.04
C LEU A 274 11.96 12.57 20.46
N ASP A 275 11.01 13.36 20.98
CA ASP A 275 10.38 13.12 22.27
C ASP A 275 8.97 12.50 22.18
N THR A 276 8.54 11.91 21.03
CA THR A 276 7.18 11.32 20.87
C THR A 276 7.05 10.53 19.59
N LEU A 277 6.64 9.25 19.66
CA LEU A 277 6.38 8.46 18.47
C LEU A 277 4.89 8.49 18.12
N SER A 278 4.54 8.97 16.90
CA SER A 278 3.15 9.17 16.50
C SER A 278 2.66 8.01 15.67
N ILE A 279 1.48 7.45 16.00
CA ILE A 279 0.92 6.28 15.32
C ILE A 279 -0.42 6.66 14.69
N TYR A 280 -0.55 6.41 13.39
CA TYR A 280 -1.74 6.75 12.61
C TYR A 280 -2.40 5.46 12.14
N GLU A 281 -3.74 5.35 12.19
CA GLU A 281 -4.45 4.09 12.00
C GLU A 281 -5.21 3.99 10.67
N THR A 282 -4.90 2.98 9.84
CA THR A 282 -5.64 2.62 8.62
C THR A 282 -7.08 2.22 8.92
N PRO A 283 -8.14 2.74 8.27
CA PRO A 283 -8.09 3.42 6.97
C PRO A 283 -8.18 4.92 7.14
N SER A 284 -8.65 5.39 8.29
CA SER A 284 -8.94 6.79 8.56
C SER A 284 -7.72 7.69 8.56
N MET A 285 -6.59 7.20 9.09
CA MET A 285 -5.29 7.86 9.16
C MET A 285 -5.24 8.98 10.19
N GLY A 286 -6.17 8.95 11.17
CA GLY A 286 -6.10 9.79 12.36
C GLY A 286 -5.26 9.16 13.43
N LEU A 287 -5.06 9.88 14.54
CA LEU A 287 -4.24 9.43 15.65
C LEU A 287 -4.83 8.23 16.42
N LEU A 288 -4.03 7.17 16.66
CA LEU A 288 -4.48 5.93 17.29
C LEU A 288 -5.01 6.10 18.72
N ASP A 289 -6.32 5.82 18.94
CA ASP A 289 -7.02 5.93 20.24
C ASP A 289 -7.15 7.37 20.74
N LYS A 290 -6.78 8.34 19.87
CA LYS A 290 -6.51 9.74 20.20
C LYS A 290 -5.32 9.91 21.15
N LYS A 291 -4.29 9.05 21.03
CA LYS A 291 -3.11 9.03 21.87
C LYS A 291 -1.84 8.90 21.04
N SER A 292 -0.67 9.28 21.61
CA SER A 292 0.62 9.04 21.00
C SER A 292 1.44 8.14 21.89
N LEU A 293 2.62 7.66 21.44
CA LEU A 293 3.52 6.86 22.27
C LEU A 293 4.61 7.75 22.82
N LYS A 294 4.66 7.91 24.16
CA LYS A 294 5.56 8.84 24.81
C LYS A 294 6.90 8.18 25.15
N ILE A 295 7.93 8.52 24.35
CA ILE A 295 9.24 7.89 24.38
C ILE A 295 10.22 9.03 24.14
N SER A 296 11.37 9.10 24.85
CA SER A 296 12.29 10.23 24.69
C SER A 296 13.62 9.77 24.12
N GLY A 297 14.05 10.39 23.00
CA GLY A 297 15.39 10.20 22.46
C GLY A 297 15.53 9.12 21.42
N ILE A 298 14.41 8.47 21.03
CA ILE A 298 14.30 7.42 20.01
C ILE A 298 15.17 7.59 18.76
N LYS A 299 16.10 6.64 18.49
CA LYS A 299 17.02 6.81 17.38
C LYS A 299 16.49 6.26 16.07
N ASP A 300 15.91 5.04 16.11
CA ASP A 300 15.34 4.38 14.97
C ASP A 300 14.40 3.28 15.49
N PHE A 301 13.59 2.70 14.60
CA PHE A 301 12.61 1.69 14.92
C PHE A 301 12.41 0.76 13.73
N SER A 302 12.02 -0.49 13.95
CA SER A 302 11.81 -1.43 12.85
C SER A 302 10.68 -2.38 13.20
N TRP A 303 9.75 -2.60 12.26
CA TRP A 303 8.57 -3.42 12.46
C TRP A 303 8.85 -4.91 12.23
N SER A 304 8.27 -5.79 13.07
CA SER A 304 8.24 -7.21 12.80
C SER A 304 7.42 -7.54 11.54
N PRO A 305 7.82 -8.52 10.72
CA PRO A 305 6.94 -9.19 9.77
C PRO A 305 5.75 -9.91 10.42
N GLY A 306 5.87 -10.29 11.70
CA GLY A 306 4.82 -10.97 12.45
C GLY A 306 3.87 -10.03 13.15
N GLY A 307 2.62 -10.48 13.36
CA GLY A 307 1.54 -9.72 13.97
C GLY A 307 1.62 -9.52 15.47
N ASN A 308 1.61 -8.28 16.00
CA ASN A 308 2.10 -7.07 15.37
C ASN A 308 2.99 -6.34 16.38
N ILE A 309 4.29 -6.20 16.07
CA ILE A 309 5.31 -5.84 17.05
C ILE A 309 6.26 -4.81 16.47
N ILE A 310 6.56 -3.74 17.24
CA ILE A 310 7.59 -2.75 16.92
C ILE A 310 8.81 -3.04 17.77
N ALA A 311 10.00 -3.09 17.15
CA ALA A 311 11.25 -2.98 17.86
C ALA A 311 11.73 -1.55 17.76
N PHE A 312 12.11 -0.89 18.86
CA PHE A 312 12.70 0.43 18.79
C PHE A 312 13.85 0.54 19.77
N TRP A 313 14.71 1.55 19.59
CA TRP A 313 15.84 1.72 20.48
C TRP A 313 16.10 3.16 20.83
N VAL A 314 16.52 3.36 22.09
CA VAL A 314 16.68 4.65 22.72
C VAL A 314 18.11 4.77 23.23
N PRO A 315 18.93 5.68 22.73
CA PRO A 315 20.23 6.05 23.30
C PRO A 315 20.30 6.45 24.76
N GLU A 316 21.55 6.55 25.27
CA GLU A 316 21.90 7.09 26.56
C GLU A 316 21.38 8.50 26.80
N ASP A 317 21.02 8.82 28.06
CA ASP A 317 20.75 10.18 28.47
C ASP A 317 21.63 10.48 29.67
N LYS A 318 21.39 11.60 30.35
CA LYS A 318 22.11 12.00 31.55
C LYS A 318 21.42 11.45 32.80
N ASP A 319 20.26 10.81 32.62
CA ASP A 319 19.52 10.09 33.63
C ASP A 319 19.41 8.61 33.22
N ILE A 320 18.43 8.27 32.38
CA ILE A 320 18.20 6.92 31.91
C ILE A 320 19.32 6.38 30.99
N PRO A 321 19.80 5.13 31.13
CA PRO A 321 20.72 4.54 30.16
C PRO A 321 19.99 4.02 28.93
N ALA A 322 20.76 3.66 27.88
CA ALA A 322 20.23 3.14 26.63
C ALA A 322 19.42 1.85 26.71
N ARG A 323 18.42 1.67 25.83
CA ARG A 323 17.58 0.49 25.82
C ARG A 323 17.10 0.09 24.44
N VAL A 324 16.71 -1.19 24.31
CA VAL A 324 15.96 -1.72 23.19
C VAL A 324 14.63 -2.20 23.75
N THR A 325 13.52 -1.83 23.11
CA THR A 325 12.17 -2.20 23.51
C THR A 325 11.52 -2.99 22.39
N LEU A 326 10.92 -4.15 22.72
CA LEU A 326 9.89 -4.75 21.91
C LEU A 326 8.52 -4.33 22.43
N MET A 327 7.69 -3.69 21.59
CA MET A 327 6.36 -3.21 21.94
C MET A 327 5.32 -3.86 21.06
N GLN A 328 4.24 -4.42 21.65
CA GLN A 328 3.18 -5.04 20.89
C GLN A 328 2.04 -4.06 20.60
N LEU A 329 1.46 -4.12 19.39
CA LEU A 329 0.27 -3.38 19.01
C LEU A 329 -0.81 -4.37 18.58
N PRO A 330 -2.09 -4.22 18.90
CA PRO A 330 -2.74 -2.96 19.26
C PRO A 330 -2.83 -2.77 20.76
N SER A 331 -2.17 -3.62 21.57
CA SER A 331 -2.15 -3.53 23.02
C SER A 331 -1.46 -2.30 23.60
N ARG A 332 -0.34 -1.86 22.97
CA ARG A 332 0.48 -0.71 23.30
C ARG A 332 1.33 -0.94 24.54
N GLN A 333 1.86 -2.16 24.70
CA GLN A 333 2.58 -2.56 25.90
C GLN A 333 4.02 -2.88 25.55
N GLU A 334 5.00 -2.37 26.32
CA GLU A 334 6.38 -2.83 26.23
C GLU A 334 6.48 -4.27 26.76
N ILE A 335 6.65 -5.27 25.88
CA ILE A 335 6.50 -6.68 26.25
C ILE A 335 7.82 -7.36 26.56
N ARG A 336 8.96 -6.72 26.22
CA ARG A 336 10.28 -7.25 26.49
C ARG A 336 11.27 -6.13 26.24
N VAL A 337 11.79 -5.54 27.32
CA VAL A 337 12.70 -4.41 27.27
C VAL A 337 14.01 -4.83 27.87
N ARG A 338 15.14 -4.45 27.27
CA ARG A 338 16.43 -4.63 27.89
C ARG A 338 17.22 -3.34 27.79
N ASN A 339 17.66 -2.80 28.94
CA ASN A 339 18.72 -1.80 28.97
C ASN A 339 20.03 -2.40 28.51
N LEU A 340 20.75 -1.70 27.63
CA LEU A 340 21.97 -2.23 27.08
C LEU A 340 23.19 -1.64 27.76
N PHE A 341 23.07 -0.40 28.26
CA PHE A 341 24.08 0.32 29.03
C PHE A 341 25.35 0.67 28.24
N ASN A 342 25.62 1.98 28.05
CA ASN A 342 26.88 2.50 27.54
C ASN A 342 27.16 2.17 26.08
N VAL A 343 26.21 2.43 25.18
CA VAL A 343 26.31 2.01 23.79
C VAL A 343 26.58 3.18 22.86
N VAL A 344 27.51 3.00 21.90
CA VAL A 344 27.82 3.99 20.88
C VAL A 344 26.69 4.05 19.86
N ASP A 345 26.23 2.89 19.40
CA ASP A 345 25.22 2.77 18.39
C ASP A 345 24.67 1.36 18.46
N CYS A 346 23.48 1.15 17.88
CA CYS A 346 22.85 -0.14 17.76
C CYS A 346 22.16 -0.21 16.41
N LYS A 347 21.96 -1.43 15.89
CA LYS A 347 21.21 -1.65 14.68
C LYS A 347 20.23 -2.79 14.88
N LEU A 348 18.99 -2.59 14.41
CA LEU A 348 17.89 -3.50 14.60
C LEU A 348 17.73 -4.37 13.36
N HIS A 349 17.97 -5.68 13.46
CA HIS A 349 17.87 -6.57 12.32
C HIS A 349 16.85 -7.67 12.55
N TRP A 350 15.66 -7.57 11.93
CA TRP A 350 14.66 -8.62 11.96
C TRP A 350 14.96 -9.75 10.98
N GLN A 351 14.65 -10.99 11.37
CA GLN A 351 14.53 -12.12 10.47
C GLN A 351 13.19 -12.06 9.72
N LYS A 352 13.11 -12.61 8.49
CA LYS A 352 12.05 -12.32 7.53
C LYS A 352 10.64 -12.85 7.87
N ASN A 353 10.52 -13.75 8.85
CA ASN A 353 9.24 -14.18 9.38
C ASN A 353 8.97 -13.57 10.75
N GLY A 354 9.90 -12.75 11.30
CA GLY A 354 9.75 -12.16 12.62
C GLY A 354 10.12 -13.07 13.75
N ASP A 355 10.74 -14.22 13.44
CA ASP A 355 11.15 -15.26 14.38
C ASP A 355 12.23 -14.80 15.35
N TYR A 356 13.17 -13.98 14.84
CA TYR A 356 14.24 -13.42 15.61
C TYR A 356 14.32 -11.93 15.38
N LEU A 357 14.72 -11.18 16.42
CA LEU A 357 15.27 -9.86 16.28
C LEU A 357 16.71 -9.94 16.76
N CYS A 358 17.69 -9.61 15.88
CA CYS A 358 19.06 -9.44 16.32
C CYS A 358 19.28 -7.97 16.58
N VAL A 359 19.89 -7.63 17.72
CA VAL A 359 20.44 -6.31 17.93
C VAL A 359 21.96 -6.40 17.88
N LYS A 360 22.53 -5.61 16.97
CA LYS A 360 23.95 -5.42 16.82
C LYS A 360 24.29 -4.21 17.65
N VAL A 361 25.15 -4.36 18.67
CA VAL A 361 25.31 -3.34 19.71
C VAL A 361 26.78 -2.97 19.84
N ASP A 362 27.16 -1.70 19.60
CA ASP A 362 28.53 -1.24 19.78
C ASP A 362 28.69 -0.66 21.19
N ARG A 363 29.64 -1.16 22.02
CA ARG A 363 29.77 -0.73 23.41
C ARG A 363 31.00 0.11 23.70
N THR A 364 30.87 0.96 24.75
CA THR A 364 31.71 2.13 24.97
C THR A 364 32.49 2.02 26.27
N PRO A 365 33.81 2.16 26.37
CA PRO A 365 34.51 2.38 27.63
C PRO A 365 34.50 3.85 27.98
N LYS A 366 35.19 4.28 29.06
CA LYS A 366 35.16 5.67 29.50
C LYS A 366 35.95 6.60 28.59
N GLY A 367 36.84 6.05 27.73
CA GLY A 367 37.58 6.77 26.69
C GLY A 367 36.81 7.02 25.42
N THR A 368 35.53 6.60 25.39
CA THR A 368 34.54 6.95 24.38
C THR A 368 34.85 6.48 22.98
N GLN A 369 35.00 5.16 22.79
CA GLN A 369 35.38 4.57 21.51
C GLN A 369 34.64 3.24 21.33
N GLY A 370 34.41 2.77 20.09
CA GLY A 370 33.82 1.46 19.84
C GLY A 370 34.77 0.31 20.08
N VAL A 371 35.03 -0.02 21.37
CA VAL A 371 35.96 -1.05 21.82
C VAL A 371 35.56 -2.47 21.45
N VAL A 372 34.24 -2.76 21.48
CA VAL A 372 33.71 -4.07 21.19
C VAL A 372 32.32 -3.93 20.60
N THR A 373 31.95 -4.81 19.67
CA THR A 373 30.59 -4.92 19.17
C THR A 373 30.04 -6.27 19.60
N ASN A 374 28.80 -6.30 20.11
CA ASN A 374 28.10 -7.49 20.53
C ASN A 374 26.95 -7.84 19.60
N PHE A 375 26.51 -9.11 19.65
CA PHE A 375 25.25 -9.55 19.07
C PHE A 375 24.40 -10.15 20.17
N GLU A 376 23.18 -9.64 20.33
CA GLU A 376 22.21 -10.15 21.28
C GLU A 376 20.92 -10.42 20.51
N ILE A 377 20.40 -11.65 20.57
CA ILE A 377 19.30 -12.06 19.69
C ILE A 377 18.08 -12.40 20.52
N PHE A 378 16.93 -11.77 20.23
CA PHE A 378 15.65 -12.08 20.86
C PHE A 378 14.97 -13.21 20.08
N ARG A 379 14.43 -14.22 20.79
CA ARG A 379 13.79 -15.37 20.19
C ARG A 379 12.27 -15.30 20.36
N MET A 380 11.51 -15.16 19.26
CA MET A 380 10.11 -14.77 19.37
C MET A 380 9.12 -15.91 19.24
N ARG A 381 9.56 -17.14 18.89
CA ARG A 381 8.67 -18.29 18.76
C ARG A 381 8.54 -18.99 20.09
N GLU A 382 9.70 -19.24 20.71
CA GLU A 382 9.97 -19.72 22.04
C GLU A 382 9.20 -19.05 23.19
N LYS A 383 9.13 -19.71 24.36
CA LYS A 383 8.35 -19.25 25.51
C LYS A 383 8.87 -17.98 26.16
N GLN A 384 8.03 -16.93 26.19
CA GLN A 384 8.28 -15.68 26.91
C GLN A 384 9.56 -14.93 26.52
N VAL A 385 9.78 -14.80 25.20
CA VAL A 385 10.94 -14.18 24.54
C VAL A 385 12.33 -14.43 25.18
N PRO A 386 12.92 -15.62 25.07
CA PRO A 386 14.32 -15.85 25.39
C PRO A 386 15.32 -14.95 24.67
N VAL A 387 16.53 -14.85 25.22
CA VAL A 387 17.60 -14.04 24.66
C VAL A 387 18.78 -14.95 24.42
N ASP A 388 19.33 -14.95 23.20
CA ASP A 388 20.55 -15.62 22.85
C ASP A 388 21.66 -14.58 22.88
N VAL A 389 22.56 -14.63 23.88
CA VAL A 389 23.66 -13.71 23.98
C VAL A 389 24.84 -14.36 23.28
N VAL A 390 25.33 -13.75 22.20
CA VAL A 390 26.29 -14.39 21.32
C VAL A 390 27.65 -13.72 21.43
N GLU A 391 27.93 -12.69 20.62
CA GLU A 391 29.30 -12.31 20.35
C GLU A 391 29.94 -11.22 21.18
N MET A 392 31.27 -11.26 21.18
CA MET A 392 32.15 -10.16 21.51
C MET A 392 33.19 -10.10 20.41
N LYS A 393 33.28 -8.99 19.66
CA LYS A 393 34.34 -8.88 18.66
C LYS A 393 34.61 -7.44 18.28
N GLU A 394 35.79 -7.20 17.70
CA GLU A 394 36.24 -5.92 17.18
C GLU A 394 35.37 -5.36 16.04
N THR A 395 35.18 -4.02 16.04
CA THR A 395 34.49 -3.17 15.05
C THR A 395 33.65 -3.82 13.95
N ILE A 396 32.46 -4.32 14.29
CA ILE A 396 31.55 -4.89 13.31
C ILE A 396 30.87 -3.77 12.54
N ILE A 397 30.93 -3.80 11.20
CA ILE A 397 30.37 -2.76 10.36
C ILE A 397 29.17 -3.23 9.56
N ALA A 398 28.89 -4.55 9.51
CA ALA A 398 27.70 -5.06 8.86
C ALA A 398 27.31 -6.44 9.39
N PHE A 399 26.01 -6.75 9.31
CA PHE A 399 25.40 -7.99 9.70
C PHE A 399 24.25 -8.25 8.72
N ALA A 400 24.01 -9.51 8.30
CA ALA A 400 22.78 -9.84 7.62
C ALA A 400 22.36 -11.29 7.85
N TRP A 401 21.04 -11.51 8.00
CA TRP A 401 20.42 -12.81 8.20
C TRP A 401 20.21 -13.60 6.92
N GLU A 402 20.26 -14.94 7.02
CA GLU A 402 19.69 -15.87 6.06
C GLU A 402 18.17 -15.66 5.88
N PRO A 403 17.64 -15.52 4.66
CA PRO A 403 16.19 -15.47 4.40
C PRO A 403 15.44 -16.68 4.88
N ASN A 404 14.39 -16.49 5.71
CA ASN A 404 13.49 -17.52 6.19
C ASN A 404 14.23 -18.63 6.94
N GLY A 405 15.24 -18.25 7.75
CA GLY A 405 16.11 -19.22 8.40
C GLY A 405 16.69 -18.71 9.68
N SER A 406 17.99 -18.99 9.90
CA SER A 406 18.62 -18.78 11.20
C SER A 406 20.13 -18.56 11.09
N LYS A 407 20.75 -18.75 9.91
CA LYS A 407 22.18 -18.50 9.74
C LYS A 407 22.47 -17.02 9.50
N PHE A 408 23.72 -16.57 9.64
CA PHE A 408 24.04 -15.18 9.37
C PHE A 408 25.51 -14.97 9.03
N ALA A 409 25.83 -13.76 8.52
CA ALA A 409 27.17 -13.39 8.10
C ALA A 409 27.50 -12.00 8.64
N VAL A 410 28.79 -11.75 8.92
CA VAL A 410 29.25 -10.61 9.67
C VAL A 410 30.53 -10.05 9.05
N LEU A 411 30.66 -8.71 8.98
CA LEU A 411 31.85 -8.03 8.48
C LEU A 411 32.46 -7.12 9.53
N HIS A 412 33.80 -7.19 9.69
CA HIS A 412 34.59 -6.40 10.64
C HIS A 412 35.49 -5.44 9.89
N GLY A 413 35.43 -4.13 10.20
CA GLY A 413 36.31 -3.12 9.59
C GLY A 413 37.69 -3.09 10.20
N GLU A 414 38.54 -2.13 9.79
CA GLU A 414 39.80 -1.82 10.44
C GLU A 414 40.77 -3.00 10.64
N ALA A 415 41.14 -3.73 9.57
CA ALA A 415 41.95 -4.93 9.70
C ALA A 415 42.99 -5.25 8.59
N PRO A 416 43.59 -4.41 7.75
CA PRO A 416 43.29 -3.01 7.49
C PRO A 416 42.08 -2.93 6.59
N ARG A 417 41.94 -3.86 5.64
CA ARG A 417 40.75 -4.05 4.83
C ARG A 417 39.75 -4.92 5.59
N ILE A 418 38.55 -5.16 5.05
CA ILE A 418 37.44 -5.69 5.81
C ILE A 418 37.52 -7.22 5.93
N SER A 419 37.22 -7.76 7.13
CA SER A 419 37.35 -9.18 7.46
C SER A 419 35.99 -9.81 7.66
N VAL A 420 35.80 -11.08 7.23
CA VAL A 420 34.49 -11.72 7.20
C VAL A 420 34.40 -12.92 8.13
N SER A 421 33.27 -13.03 8.86
CA SER A 421 33.02 -14.07 9.86
C SER A 421 31.65 -14.70 9.57
N PHE A 422 31.57 -16.04 9.44
CA PHE A 422 30.33 -16.73 9.07
C PHE A 422 29.78 -17.63 10.17
N TYR A 423 28.46 -17.53 10.42
CA TYR A 423 27.81 -18.09 11.59
C TYR A 423 26.78 -19.14 11.19
N HIS A 424 26.74 -20.26 11.93
CA HIS A 424 25.83 -21.38 11.67
C HIS A 424 25.22 -21.80 12.99
N VAL A 425 24.09 -22.52 12.95
CA VAL A 425 23.37 -22.97 14.14
C VAL A 425 23.98 -24.26 14.66
N LYS A 426 24.28 -24.31 15.96
CA LYS A 426 24.82 -25.47 16.65
C LYS A 426 23.83 -26.63 16.79
N SER A 427 24.32 -27.87 16.95
CA SER A 427 23.53 -29.08 17.18
C SER A 427 22.65 -29.02 18.42
N ASN A 428 23.13 -28.36 19.49
CA ASN A 428 22.38 -28.14 20.71
C ASN A 428 21.60 -26.81 20.68
N GLY A 429 21.66 -26.06 19.56
CA GLY A 429 21.17 -24.69 19.50
C GLY A 429 22.15 -23.68 20.07
N LYS A 430 21.79 -22.39 19.90
CA LYS A 430 22.70 -21.25 19.82
C LYS A 430 23.34 -21.15 18.45
N ILE A 431 23.71 -19.92 18.05
CA ILE A 431 24.25 -19.64 16.74
C ILE A 431 25.69 -19.17 16.95
N GLU A 432 26.66 -19.69 16.18
CA GLU A 432 28.07 -19.52 16.51
C GLU A 432 28.96 -19.50 15.28
N LEU A 433 30.13 -18.82 15.38
CA LEU A 433 31.14 -18.72 14.33
C LEU A 433 31.70 -20.07 13.90
N SER A 434 31.68 -20.34 12.58
CA SER A 434 32.00 -21.67 12.05
C SER A 434 33.00 -21.62 10.90
N LYS A 435 33.11 -20.51 10.14
CA LYS A 435 34.13 -20.39 9.10
C LYS A 435 34.47 -18.93 8.86
N MET A 436 35.70 -18.65 8.38
CA MET A 436 36.22 -17.32 8.14
C MET A 436 36.95 -17.30 6.80
N PHE A 437 37.28 -16.10 6.27
CA PHE A 437 38.12 -15.96 5.08
C PHE A 437 38.95 -14.70 5.23
N ASP A 438 40.11 -14.62 4.53
CA ASP A 438 40.99 -13.47 4.51
C ASP A 438 40.34 -12.14 4.03
N LYS A 439 41.02 -11.02 4.35
CA LYS A 439 40.58 -9.65 4.17
C LYS A 439 40.27 -9.25 2.71
N GLN A 440 39.29 -8.35 2.54
CA GLN A 440 38.66 -8.08 1.26
C GLN A 440 38.00 -6.70 1.26
N GLN A 441 37.37 -6.31 0.12
CA GLN A 441 36.81 -4.98 -0.05
C GLN A 441 35.32 -4.89 0.29
N ALA A 442 34.69 -6.02 0.61
CA ALA A 442 33.27 -6.11 0.89
C ALA A 442 32.76 -5.31 2.10
N ASN A 443 31.79 -4.39 1.90
CA ASN A 443 31.20 -3.61 2.98
C ASN A 443 29.73 -3.91 3.16
N THR A 444 29.14 -4.72 2.27
CA THR A 444 27.71 -4.92 2.20
C THR A 444 27.42 -6.39 2.05
N ILE A 445 26.48 -6.92 2.86
CA ILE A 445 26.13 -8.33 2.87
C ILE A 445 24.72 -8.47 2.37
N PHE A 446 24.52 -9.12 1.21
CA PHE A 446 23.19 -9.23 0.61
C PHE A 446 22.86 -10.68 0.29
N TRP A 447 21.80 -11.23 0.91
CA TRP A 447 21.48 -12.64 0.79
C TRP A 447 20.42 -12.92 -0.26
N SER A 448 20.57 -14.07 -0.94
CA SER A 448 19.57 -14.64 -1.82
C SER A 448 18.31 -15.06 -1.10
N PRO A 449 17.10 -14.72 -1.56
CA PRO A 449 15.86 -15.25 -1.00
C PRO A 449 15.68 -16.76 -1.13
N GLN A 450 16.56 -17.49 -1.84
CA GLN A 450 16.55 -18.94 -1.88
C GLN A 450 17.23 -19.59 -0.66
N GLY A 451 18.08 -18.85 0.06
CA GLY A 451 18.72 -19.31 1.29
C GLY A 451 20.17 -19.69 1.19
N GLN A 452 20.61 -20.43 0.15
CA GLN A 452 22.02 -20.84 0.04
C GLN A 452 23.02 -19.69 -0.14
N PHE A 453 22.71 -18.74 -1.03
CA PHE A 453 23.72 -17.87 -1.60
C PHE A 453 23.76 -16.50 -0.95
N VAL A 454 24.97 -16.04 -0.58
CA VAL A 454 25.17 -14.70 -0.04
C VAL A 454 26.19 -13.95 -0.89
N VAL A 455 25.90 -12.66 -1.17
CA VAL A 455 26.78 -11.76 -1.87
C VAL A 455 27.53 -10.91 -0.86
N LEU A 456 28.88 -10.91 -0.95
CA LEU A 456 29.73 -9.99 -0.25
C LEU A 456 30.16 -8.92 -1.24
N ALA A 457 29.63 -7.69 -1.09
CA ALA A 457 29.77 -6.66 -2.10
C ALA A 457 30.53 -5.46 -1.57
N GLY A 458 31.52 -4.97 -2.35
CA GLY A 458 32.26 -3.75 -2.04
C GLY A 458 31.66 -2.56 -2.73
N LEU A 459 30.52 -2.06 -2.23
CA LEU A 459 29.84 -0.91 -2.79
C LEU A 459 30.62 0.39 -2.65
N ARG A 460 30.48 1.31 -3.62
CA ARG A 460 31.16 2.61 -3.67
C ARG A 460 32.67 2.49 -3.81
N SER A 461 33.11 1.38 -4.45
CA SER A 461 34.50 1.06 -4.74
C SER A 461 34.61 1.02 -6.24
N MET A 462 35.65 1.63 -6.82
CA MET A 462 35.84 1.66 -8.26
C MET A 462 35.98 0.28 -8.88
N ASN A 463 36.78 -0.61 -8.25
CA ASN A 463 36.86 -2.00 -8.66
C ASN A 463 37.34 -2.78 -7.43
N GLY A 464 36.98 -4.07 -7.18
CA GLY A 464 36.29 -5.08 -7.98
C GLY A 464 34.79 -4.92 -8.20
N ALA A 465 33.89 -5.42 -7.34
CA ALA A 465 34.12 -6.03 -6.05
C ALA A 465 32.91 -6.84 -5.60
N LEU A 466 32.43 -7.79 -6.42
CA LEU A 466 31.29 -8.62 -6.07
C LEU A 466 31.72 -10.06 -5.87
N ALA A 467 31.62 -10.60 -4.63
CA ALA A 467 32.05 -11.95 -4.31
C ALA A 467 30.89 -12.79 -3.79
N PHE A 468 30.79 -14.05 -4.22
CA PHE A 468 29.59 -14.85 -4.05
C PHE A 468 29.89 -16.16 -3.31
N VAL A 469 29.14 -16.45 -2.23
CA VAL A 469 29.39 -17.58 -1.33
C VAL A 469 28.17 -18.49 -1.20
N ASP A 470 28.37 -19.82 -1.31
CA ASP A 470 27.37 -20.85 -1.06
C ASP A 470 27.43 -21.30 0.40
N THR A 471 26.29 -21.29 1.12
CA THR A 471 26.16 -21.65 2.53
C THR A 471 25.11 -22.76 2.63
N SER A 472 25.13 -23.75 3.54
CA SER A 472 26.09 -24.20 4.56
C SER A 472 27.52 -24.47 4.12
N ASP A 473 28.45 -24.42 5.10
CA ASP A 473 29.86 -24.78 4.98
C ASP A 473 30.65 -23.84 4.08
N CYS A 474 30.16 -22.58 4.04
CA CYS A 474 30.59 -21.42 3.28
C CYS A 474 31.69 -21.61 2.23
N THR A 475 31.31 -21.72 0.94
CA THR A 475 32.23 -21.99 -0.16
C THR A 475 32.20 -20.84 -1.14
N VAL A 476 33.36 -20.25 -1.50
CA VAL A 476 33.42 -19.18 -2.49
C VAL A 476 33.17 -19.69 -3.90
N MET A 477 32.07 -19.24 -4.52
CA MET A 477 31.69 -19.62 -5.87
C MET A 477 32.38 -18.77 -6.93
N ASN A 478 32.39 -17.44 -6.76
CA ASN A 478 32.80 -16.55 -7.83
C ASN A 478 33.17 -15.17 -7.29
N ILE A 479 34.04 -14.43 -8.00
CA ILE A 479 34.39 -13.04 -7.73
C ILE A 479 34.35 -12.29 -9.05
N ALA A 480 33.54 -11.23 -9.17
CA ALA A 480 33.27 -10.55 -10.41
C ALA A 480 33.29 -9.03 -10.32
N GLU A 481 33.41 -8.38 -11.50
CA GLU A 481 33.34 -6.95 -11.69
C GLU A 481 31.97 -6.32 -11.38
N HIS A 482 31.95 -5.12 -10.79
CA HIS A 482 31.01 -4.11 -11.28
C HIS A 482 31.63 -2.75 -11.04
N TYR A 483 32.09 -2.09 -12.13
CA TYR A 483 32.85 -0.85 -12.08
C TYR A 483 32.11 0.34 -11.44
N MET A 484 32.56 0.74 -10.22
CA MET A 484 31.92 1.73 -9.36
C MET A 484 30.54 1.32 -8.80
N ALA A 485 30.37 0.03 -8.43
CA ALA A 485 29.23 -0.58 -7.76
C ALA A 485 28.41 0.27 -6.78
N SER A 486 27.06 0.24 -6.88
CA SER A 486 26.19 1.09 -6.08
C SER A 486 24.98 0.34 -5.57
N ASP A 487 24.13 -0.18 -6.47
CA ASP A 487 22.82 -0.68 -6.11
C ASP A 487 22.76 -2.19 -6.35
N VAL A 488 21.95 -2.92 -5.56
CA VAL A 488 21.94 -4.38 -5.59
C VAL A 488 20.55 -4.89 -5.29
N GLU A 489 20.13 -5.99 -5.96
CA GLU A 489 18.86 -6.63 -5.71
C GLU A 489 18.91 -8.09 -6.18
N TRP A 490 18.05 -8.96 -5.60
CA TRP A 490 17.84 -10.33 -6.04
C TRP A 490 16.39 -10.50 -6.49
N ASP A 491 16.12 -11.54 -7.30
CA ASP A 491 14.80 -12.11 -7.50
C ASP A 491 14.18 -12.58 -6.14
N PRO A 492 12.89 -12.40 -5.86
CA PRO A 492 12.20 -12.94 -4.68
C PRO A 492 12.29 -14.44 -4.44
N THR A 493 12.65 -15.24 -5.45
CA THR A 493 12.91 -16.67 -5.32
C THR A 493 14.40 -16.99 -5.43
N GLY A 494 15.25 -15.96 -5.53
CA GLY A 494 16.70 -16.09 -5.53
C GLY A 494 17.36 -16.55 -6.80
N ARG A 495 16.63 -16.60 -7.93
CA ARG A 495 17.10 -17.07 -9.21
C ARG A 495 18.16 -16.18 -9.89
N TYR A 496 17.99 -14.85 -9.85
CA TYR A 496 18.90 -13.91 -10.47
C TYR A 496 19.33 -12.79 -9.53
N VAL A 497 20.55 -12.27 -9.75
CA VAL A 497 21.10 -11.10 -9.09
C VAL A 497 21.19 -10.00 -10.11
N VAL A 498 20.70 -8.80 -9.76
CA VAL A 498 20.87 -7.62 -10.59
C VAL A 498 21.56 -6.51 -9.79
N THR A 499 22.68 -5.98 -10.30
CA THR A 499 23.39 -4.87 -9.65
C THR A 499 23.49 -3.70 -10.59
N SER A 500 23.45 -2.48 -10.05
CA SER A 500 23.40 -1.26 -10.85
C SER A 500 24.48 -0.29 -10.42
N VAL A 501 24.87 0.62 -11.33
CA VAL A 501 25.63 1.80 -10.97
C VAL A 501 24.80 3.03 -11.30
N SER A 502 24.06 3.55 -10.29
CA SER A 502 23.32 4.80 -10.38
C SER A 502 24.16 6.05 -10.64
N TRP A 503 23.65 6.92 -11.53
CA TRP A 503 24.17 8.23 -11.85
C TRP A 503 23.90 9.27 -10.77
N TRP A 504 22.97 9.00 -9.83
CA TRP A 504 22.88 9.74 -8.58
C TRP A 504 24.09 9.47 -7.69
N SER A 505 24.51 8.20 -7.58
CA SER A 505 25.65 7.79 -6.77
C SER A 505 26.99 8.12 -7.40
N HIS A 506 27.24 7.68 -8.64
CA HIS A 506 28.57 7.65 -9.23
C HIS A 506 28.46 7.93 -10.71
N LYS A 507 29.41 8.72 -11.26
CA LYS A 507 29.32 9.21 -12.64
C LYS A 507 30.54 8.78 -13.43
N VAL A 508 30.96 7.52 -13.24
CA VAL A 508 32.16 6.94 -13.84
C VAL A 508 31.74 5.99 -14.96
N ASP A 509 31.53 4.69 -14.66
CA ASP A 509 30.74 3.80 -15.48
C ASP A 509 29.30 3.94 -14.98
N ASN A 510 28.30 3.69 -15.82
CA ASN A 510 26.91 3.68 -15.42
C ASN A 510 26.27 2.55 -16.18
N ALA A 511 25.70 1.56 -15.46
CA ALA A 511 25.31 0.31 -16.05
C ALA A 511 24.36 -0.48 -15.16
N TYR A 512 23.78 -1.55 -15.73
CA TYR A 512 23.19 -2.63 -14.97
C TYR A 512 23.80 -3.96 -15.38
N TRP A 513 23.88 -4.89 -14.43
CA TRP A 513 24.65 -6.12 -14.52
C TRP A 513 23.80 -7.27 -14.01
N LEU A 514 23.73 -8.40 -14.73
CA LEU A 514 22.81 -9.49 -14.46
C LEU A 514 23.54 -10.84 -14.38
N TRP A 515 23.33 -11.60 -13.30
CA TRP A 515 24.12 -12.79 -13.00
C TRP A 515 23.25 -13.95 -12.51
N THR A 516 23.56 -15.16 -12.99
CA THR A 516 22.84 -16.41 -12.74
C THR A 516 23.31 -17.06 -11.45
N PHE A 517 22.38 -17.50 -10.58
CA PHE A 517 22.60 -18.15 -9.29
C PHE A 517 23.51 -19.39 -9.21
N GLN A 518 24.08 -19.85 -10.33
CA GLN A 518 25.02 -20.95 -10.42
C GLN A 518 26.46 -20.46 -10.46
N GLY A 519 26.68 -19.13 -10.34
CA GLY A 519 28.02 -18.55 -10.43
C GLY A 519 28.43 -18.21 -11.83
N ARG A 520 27.51 -17.69 -12.64
CA ARG A 520 27.76 -17.39 -14.04
C ARG A 520 27.21 -16.01 -14.39
N LEU A 521 28.05 -15.12 -14.96
CA LEU A 521 27.58 -13.88 -15.56
C LEU A 521 26.67 -14.11 -16.76
N LEU A 522 25.52 -13.41 -16.83
CA LEU A 522 24.63 -13.48 -17.96
C LEU A 522 24.93 -12.35 -18.93
N GLN A 523 24.84 -11.08 -18.47
CA GLN A 523 25.10 -9.95 -19.33
C GLN A 523 25.32 -8.69 -18.51
N LYS A 524 26.05 -7.69 -19.05
CA LYS A 524 26.14 -6.35 -18.51
C LYS A 524 25.71 -5.37 -19.60
N ASN A 525 24.87 -4.36 -19.25
CA ASN A 525 24.39 -3.36 -20.19
C ASN A 525 24.69 -1.96 -19.66
N ASN A 526 25.54 -1.19 -20.35
CA ASN A 526 25.96 0.14 -19.93
C ASN A 526 25.03 1.21 -20.49
N LYS A 527 24.64 2.22 -19.68
CA LYS A 527 23.66 3.23 -20.07
C LYS A 527 24.06 4.58 -19.50
N ASP A 528 23.89 5.66 -20.28
CA ASP A 528 24.65 6.89 -20.16
C ASP A 528 24.51 7.65 -18.84
N ARG A 529 23.26 7.83 -18.36
CA ARG A 529 22.95 8.47 -17.09
C ARG A 529 21.96 7.61 -16.35
N PHE A 530 22.26 6.31 -16.21
CA PHE A 530 21.41 5.32 -15.57
C PHE A 530 21.00 5.70 -14.14
N CYS A 531 19.71 5.95 -13.89
CA CYS A 531 19.26 6.44 -12.59
C CYS A 531 18.93 5.32 -11.63
N GLN A 532 18.11 4.34 -12.05
CA GLN A 532 17.71 3.28 -11.15
C GLN A 532 17.16 2.07 -11.90
N LEU A 533 17.24 0.89 -11.25
CA LEU A 533 16.60 -0.33 -11.67
C LEU A 533 15.87 -0.91 -10.46
N LEU A 534 14.56 -1.17 -10.59
CA LEU A 534 13.80 -1.85 -9.55
C LEU A 534 13.08 -3.04 -10.15
N TRP A 535 13.30 -4.27 -9.63
CA TRP A 535 12.43 -5.38 -9.97
C TRP A 535 10.99 -5.18 -9.48
N ARG A 536 10.00 -5.66 -10.24
CA ARG A 536 8.63 -5.77 -9.78
C ARG A 536 8.52 -6.77 -8.61
N PRO A 537 7.88 -6.49 -7.47
CA PRO A 537 7.73 -7.47 -6.39
C PRO A 537 7.02 -8.76 -6.77
N ARG A 538 7.26 -9.85 -6.04
CA ARG A 538 6.66 -11.14 -6.34
C ARG A 538 6.65 -12.08 -5.12
N ILE A 561 9.41 -33.25 -14.38
CA ILE A 561 7.99 -32.95 -14.51
C ILE A 561 7.65 -31.72 -15.34
N PHE A 562 8.37 -30.60 -15.16
CA PHE A 562 8.06 -29.37 -15.87
C PHE A 562 9.18 -29.01 -16.83
N GLU A 563 10.46 -29.19 -16.43
CA GLU A 563 11.59 -28.72 -17.22
C GLU A 563 11.74 -29.41 -18.56
N GLN A 564 11.50 -30.73 -18.64
CA GLN A 564 11.54 -31.49 -19.88
C GLN A 564 10.50 -31.02 -20.90
N LYS A 565 9.29 -30.68 -20.41
CA LYS A 565 8.22 -30.05 -21.18
C LYS A 565 8.57 -28.64 -21.65
N ASP A 566 9.18 -27.80 -20.79
CA ASP A 566 9.67 -26.48 -21.14
C ASP A 566 10.82 -26.53 -22.18
N ARG A 567 11.78 -27.46 -22.03
CA ARG A 567 12.82 -27.72 -23.03
C ARG A 567 12.26 -28.21 -24.36
N LEU A 568 11.20 -29.02 -24.36
CA LEU A 568 10.46 -29.38 -25.57
C LEU A 568 9.81 -28.19 -26.27
N SER A 569 9.21 -27.25 -25.50
CA SER A 569 8.67 -25.98 -25.98
C SER A 569 9.72 -25.05 -26.58
N GLN A 570 10.88 -24.91 -25.90
CA GLN A 570 12.06 -24.21 -26.40
C GLN A 570 12.64 -24.83 -27.65
N SER A 571 12.66 -26.19 -27.71
CA SER A 571 13.15 -26.94 -28.85
C SER A 571 12.38 -26.65 -30.12
N LYS A 572 11.04 -26.66 -30.05
CA LYS A 572 10.09 -26.37 -31.12
C LYS A 572 10.23 -24.97 -31.70
N ALA A 573 10.58 -23.99 -30.83
CA ALA A 573 10.80 -22.61 -31.21
C ALA A 573 11.88 -22.41 -32.27
N SER A 574 13.03 -23.12 -32.14
CA SER A 574 14.14 -22.99 -33.08
C SER A 574 14.47 -24.21 -33.92
N LYS A 575 13.78 -25.36 -33.76
CA LYS A 575 13.86 -26.44 -34.73
C LYS A 575 12.58 -27.30 -34.70
N GLU A 576 12.10 -27.85 -35.83
CA GLU A 576 12.55 -27.67 -37.18
C GLU A 576 11.91 -26.40 -37.79
N UNK B 1 31.32 -30.46 -6.25
CA UNK B 1 30.90 -29.11 -5.80
C UNK B 1 29.61 -28.64 -6.46
N UNK B 2 29.69 -27.97 -7.63
CA UNK B 2 28.55 -27.35 -8.28
C UNK B 2 27.62 -28.34 -8.97
N UNK B 3 28.10 -29.57 -9.16
CA UNK B 3 27.49 -30.60 -9.97
C UNK B 3 26.11 -31.06 -9.50
N UNK B 4 25.83 -31.38 -8.22
CA UNK B 4 24.47 -31.60 -7.74
C UNK B 4 23.66 -30.32 -7.66
N UNK B 5 24.31 -29.19 -7.35
CA UNK B 5 23.70 -27.89 -7.21
C UNK B 5 23.07 -27.39 -8.52
N UNK B 6 23.69 -27.69 -9.68
CA UNK B 6 23.11 -27.46 -10.99
C UNK B 6 21.78 -28.20 -11.20
N UNK B 7 21.70 -29.47 -10.77
CA UNK B 7 20.47 -30.26 -10.80
C UNK B 7 19.44 -29.69 -9.83
N UNK B 8 19.88 -29.33 -8.61
CA UNK B 8 19.06 -28.71 -7.57
C UNK B 8 18.45 -27.38 -8.03
N UNK B 9 19.23 -26.54 -8.74
CA UNK B 9 18.78 -25.31 -9.36
C UNK B 9 17.63 -25.51 -10.36
N UNK B 10 17.70 -26.55 -11.21
CA UNK B 10 16.60 -26.95 -12.08
C UNK B 10 15.35 -27.43 -11.31
N UNK B 11 15.53 -28.18 -10.21
CA UNK B 11 14.42 -28.52 -9.32
C UNK B 11 13.74 -27.33 -8.67
N UNK B 12 14.51 -26.34 -8.17
CA UNK B 12 13.98 -25.08 -7.63
C UNK B 12 13.23 -24.28 -8.69
N UNK B 13 13.75 -24.22 -9.93
CA UNK B 13 13.04 -23.62 -11.06
C UNK B 13 11.72 -24.31 -11.38
N UNK B 14 11.68 -25.65 -11.34
CA UNK B 14 10.45 -26.42 -11.45
C UNK B 14 9.46 -26.21 -10.31
N UNK B 15 9.91 -26.06 -9.07
CA UNK B 15 9.09 -25.61 -7.96
C UNK B 15 8.53 -24.20 -8.19
N UNK B 16 9.32 -23.25 -8.72
CA UNK B 16 8.82 -21.94 -9.16
C UNK B 16 7.82 -22.04 -10.31
N UNK B 17 8.03 -22.94 -11.29
CA UNK B 17 7.06 -23.28 -12.33
C UNK B 17 5.75 -23.86 -11.80
N UNK B 18 5.79 -24.68 -10.74
CA UNK B 18 4.62 -25.12 -9.99
C UNK B 18 3.89 -23.92 -9.37
N UNK B 19 4.63 -22.96 -8.80
CA UNK B 19 4.09 -21.67 -8.37
C UNK B 19 3.53 -20.81 -9.50
N UNK B 20 4.15 -20.77 -10.71
CA UNK B 20 3.62 -20.08 -11.89
C UNK B 20 2.24 -20.62 -12.26
N UNK B 21 2.06 -21.97 -12.26
CA UNK B 21 0.76 -22.61 -12.39
C UNK B 21 -0.22 -22.25 -11.29
N UNK B 22 0.23 -22.28 -10.01
CA UNK B 22 -0.56 -21.99 -8.82
C UNK B 22 -1.11 -20.58 -8.79
N UNK B 23 -0.26 -19.60 -9.17
CA UNK B 23 -0.61 -18.18 -9.25
C UNK B 23 -1.80 -17.92 -10.16
N UNK B 24 -1.81 -18.46 -11.40
CA UNK B 24 -2.97 -18.41 -12.26
C UNK B 24 -4.17 -19.24 -11.79
N UNK B 25 -3.98 -20.46 -11.23
CA UNK B 25 -5.08 -21.25 -10.71
C UNK B 25 -5.84 -20.54 -9.59
N UNK B 26 -5.11 -19.89 -8.64
CA UNK B 26 -5.70 -18.97 -7.68
C UNK B 26 -6.32 -17.73 -8.31
N UNK B 27 -5.63 -17.08 -9.27
CA UNK B 27 -6.11 -15.86 -9.87
C UNK B 27 -7.35 -16.01 -10.74
N UNK B 28 -7.54 -17.14 -11.45
CA UNK B 28 -8.78 -17.47 -12.12
C UNK B 28 -9.98 -17.62 -11.18
N UNK B 29 -9.79 -18.13 -9.95
CA UNK B 29 -10.80 -18.10 -8.91
C UNK B 29 -11.17 -16.67 -8.49
N UNK B 30 -10.17 -15.79 -8.31
CA UNK B 30 -10.37 -14.36 -8.06
C UNK B 30 -11.09 -13.63 -9.20
N UNK B 31 -10.77 -13.92 -10.48
CA UNK B 31 -11.46 -13.34 -11.64
C UNK B 31 -12.96 -13.62 -11.64
N UNK B 32 -13.37 -14.86 -11.29
CA UNK B 32 -14.76 -15.24 -11.09
C UNK B 32 -15.44 -14.55 -9.92
N UNK B 33 -14.74 -14.33 -8.79
CA UNK B 33 -15.17 -13.49 -7.68
C UNK B 33 -15.34 -12.02 -8.08
N UNK B 34 -14.41 -11.46 -8.88
CA UNK B 34 -14.52 -10.14 -9.48
C UNK B 34 -15.74 -10.02 -10.40
N UNK B 35 -16.03 -11.06 -11.22
CA UNK B 35 -17.26 -11.12 -12.01
C UNK B 35 -18.52 -11.05 -11.14
N UNK B 36 -18.56 -11.78 -10.00
CA UNK B 36 -19.66 -11.70 -9.04
C UNK B 36 -19.82 -10.30 -8.45
N UNK B 37 -18.74 -9.60 -8.09
CA UNK B 37 -18.80 -8.21 -7.69
C UNK B 37 -19.31 -7.28 -8.79
N UNK B 38 -18.89 -7.43 -10.07
CA UNK B 38 -19.47 -6.68 -11.18
C UNK B 38 -20.97 -6.92 -11.36
N UNK B 39 -21.41 -8.18 -11.23
CA UNK B 39 -22.80 -8.56 -11.22
C UNK B 39 -23.61 -8.02 -10.05
N UNK B 40 -22.99 -7.87 -8.85
CA UNK B 40 -23.58 -7.08 -7.77
C UNK B 40 -23.73 -5.61 -8.14
N UNK B 41 -22.67 -4.94 -8.65
CA UNK B 41 -22.73 -3.53 -9.02
C UNK B 41 -23.75 -3.23 -10.11
N UNK B 42 -23.86 -4.10 -11.12
CA UNK B 42 -24.83 -3.98 -12.19
C UNK B 42 -26.18 -4.59 -11.84
N UNK B 43 -26.43 -4.91 -10.56
CA UNK B 43 -27.78 -5.14 -10.07
C UNK B 43 -28.13 -4.07 -9.04
N UNK B 44 -27.21 -3.71 -8.12
CA UNK B 44 -27.37 -2.66 -7.13
C UNK B 44 -27.60 -1.26 -7.73
N UNK B 45 -26.71 -0.81 -8.64
CA UNK B 45 -26.82 0.52 -9.24
C UNK B 45 -28.07 0.68 -10.13
N UNK B 46 -28.47 -0.23 -11.01
CA UNK B 46 -29.77 -0.18 -11.67
C UNK B 46 -30.98 -0.16 -10.75
N UNK B 47 -30.98 -0.86 -9.60
CA UNK B 47 -32.04 -0.74 -8.60
C UNK B 47 -32.10 0.63 -7.94
N UNK B 48 -30.95 1.26 -7.61
CA UNK B 48 -30.84 2.63 -7.14
C UNK B 48 -31.32 3.64 -8.19
N UNK B 49 -30.93 3.44 -9.47
CA UNK B 49 -31.40 4.21 -10.61
C UNK B 49 -32.91 4.13 -10.84
N UNK B 50 -33.55 2.96 -10.71
CA UNK B 50 -35.02 2.89 -10.78
C UNK B 50 -35.73 3.34 -9.52
N UNK B 51 -35.08 3.32 -8.34
CA UNK B 51 -35.69 3.62 -7.06
C UNK B 51 -36.08 5.08 -6.83
N UNK B 52 -35.66 6.00 -7.73
CA UNK B 52 -36.22 7.34 -7.80
C UNK B 52 -37.69 7.33 -8.25
N UNK B 53 -37.98 6.58 -9.33
CA UNK B 53 -39.29 6.36 -9.90
C UNK B 53 -40.19 5.44 -9.07
N UNK B 54 -39.61 4.39 -8.48
CA UNK B 54 -40.33 3.36 -7.74
C UNK B 54 -40.76 3.82 -6.32
#